data_6NOF
#
_entry.id   6NOF
#
_cell.length_a   96.544
_cell.length_b   96.544
_cell.length_c   101.066
_cell.angle_alpha   90.000
_cell.angle_beta   90.000
_cell.angle_gamma   120.000
#
_symmetry.space_group_name_H-M   'P 61'
#
loop_
_entity.id
_entity.type
_entity.pdbx_description
1 polymer 'Fem-3 mRNA-binding factor 2'
2 polymer "RNA (5'-R(*UP*GP*UP*AP*AP*AP*UP*A)-3')"
3 non-polymer 1,2-ETHANEDIOL
4 water water
#
loop_
_entity_poly.entity_id
_entity_poly.type
_entity_poly.pdbx_seq_one_letter_code
_entity_poly.pdbx_strand_id
1 'polypeptide(L)'
;GSNNVLPTWSLDSNGEMRSRLSLSEVLDSGDLMKFAVDKTGCQFLEKAVKGSLTSYQKFQLFEQVIGRKDDFLKLSTNIF
GNYLVQSVIGISLATNDDGYTKRQEKLKNFISSQMTDMCLDKFACRVIQSSLQNMDLSLACKLVQALPRDARLIAICVDQ
NANHVIQKVVAVIPLKNWEFIVDFVATPEHLRQICSDKYGAYVVSTIIEKLTADSMNVDLTSAAQNLRERALQRLMTSVT
NRCQELATNEYANYIIQHIVSNDDLAVYRECIIEKCLMRNLLSLSQEKFASHVVEKAFLHAPLELLAEMMDEIFDGYIPH
PDTGKDALDIMMFHQFGNYVVQCMLTICCDAVSGRRQTKEGGYDHAISFQDWLKKLHSRVTKERHRLSRFSSGKKMIETL
ANLRSTHPIYELQ
;
A
2 'polyribonucleotide' UGUAAAUA B
#
loop_
_chem_comp.id
_chem_comp.type
_chem_comp.name
_chem_comp.formula
A RNA linking ADENOSINE-5'-MONOPHOSPHATE 'C10 H14 N5 O7 P'
EDO non-polymer 1,2-ETHANEDIOL 'C2 H6 O2'
G RNA linking GUANOSINE-5'-MONOPHOSPHATE 'C10 H14 N5 O8 P'
U RNA linking URIDINE-5'-MONOPHOSPHATE 'C9 H13 N2 O9 P'
#
# COMPACT_ATOMS: atom_id res chain seq x y z
N LEU A 6 -33.28 25.28 2.47
CA LEU A 6 -32.74 26.45 1.77
C LEU A 6 -33.57 27.68 2.16
N PRO A 7 -32.96 28.87 2.16
CA PRO A 7 -33.70 30.08 2.56
C PRO A 7 -34.66 30.54 1.48
N THR A 8 -35.84 31.02 1.90
CA THR A 8 -36.85 31.45 0.94
C THR A 8 -36.40 32.70 0.17
N TRP A 9 -35.62 33.58 0.81
CA TRP A 9 -35.18 34.78 0.10
C TRP A 9 -34.38 34.46 -1.16
N SER A 10 -33.87 33.24 -1.28
CA SER A 10 -33.03 32.86 -2.41
C SER A 10 -33.73 31.92 -3.38
N LEU A 11 -35.06 31.86 -3.35
CA LEU A 11 -35.81 30.94 -4.19
C LEU A 11 -36.72 31.71 -5.14
N ASP A 12 -37.01 31.09 -6.29
CA ASP A 12 -37.99 31.64 -7.21
C ASP A 12 -39.40 31.24 -6.76
N SER A 13 -40.40 31.54 -7.58
CA SER A 13 -41.76 31.13 -7.25
C SER A 13 -42.07 29.71 -7.70
N ASN A 14 -41.09 29.01 -8.25
CA ASN A 14 -41.22 27.60 -8.58
C ASN A 14 -40.69 26.68 -7.49
N GLY A 15 -40.08 27.24 -6.45
CA GLY A 15 -39.38 26.47 -5.45
C GLY A 15 -37.92 26.23 -5.75
N GLU A 16 -37.42 26.71 -6.89
CA GLU A 16 -36.04 26.50 -7.30
C GLU A 16 -35.16 27.66 -6.83
N MET A 17 -33.86 27.39 -6.75
CA MET A 17 -32.89 28.43 -6.46
C MET A 17 -32.85 29.43 -7.61
N ARG A 18 -32.52 30.68 -7.29
CA ARG A 18 -32.50 31.74 -8.28
C ARG A 18 -31.19 31.74 -9.06
N SER A 19 -31.27 32.09 -10.36
CA SER A 19 -30.09 32.50 -11.09
C SER A 19 -29.84 33.98 -10.84
N ARG A 20 -28.72 34.48 -11.35
CA ARG A 20 -28.26 35.84 -11.05
C ARG A 20 -28.06 36.05 -9.56
N LEU A 21 -27.80 34.96 -8.84
CA LEU A 21 -27.50 35.00 -7.41
C LEU A 21 -26.01 35.23 -7.23
N SER A 22 -25.64 36.14 -6.34
CA SER A 22 -24.23 36.49 -6.17
C SER A 22 -23.66 35.89 -4.89
N LEU A 23 -22.33 35.75 -4.88
CA LEU A 23 -21.67 35.21 -3.71
C LEU A 23 -21.84 36.13 -2.51
N SER A 24 -21.78 37.45 -2.74
CA SER A 24 -21.85 38.39 -1.63
C SER A 24 -23.22 38.34 -0.95
N GLU A 25 -24.30 38.27 -1.73
CA GLU A 25 -25.63 38.04 -1.15
C GLU A 25 -25.62 36.85 -0.18
N VAL A 26 -25.05 35.73 -0.60
CA VAL A 26 -25.00 34.55 0.27
C VAL A 26 -24.12 34.84 1.50
N LEU A 27 -22.94 35.42 1.29
CA LEU A 27 -22.04 35.66 2.41
C LEU A 27 -22.64 36.68 3.38
N ASP A 28 -23.34 37.69 2.86
CA ASP A 28 -23.94 38.71 3.71
C ASP A 28 -25.17 38.20 4.45
N SER A 29 -25.81 37.14 3.93
CA SER A 29 -27.09 36.68 4.47
C SER A 29 -26.95 35.99 5.81
N GLY A 30 -25.78 35.42 6.13
CA GLY A 30 -25.70 34.61 7.31
C GLY A 30 -26.23 33.21 7.12
N ASP A 31 -26.61 32.85 5.90
CA ASP A 31 -27.24 31.58 5.59
C ASP A 31 -26.32 30.62 4.83
N LEU A 32 -25.02 30.92 4.78
CA LEU A 32 -24.09 30.10 4.00
C LEU A 32 -24.20 28.62 4.38
N MET A 33 -24.37 28.35 5.67
CA MET A 33 -24.40 26.96 6.15
C MET A 33 -25.56 26.19 5.52
N LYS A 34 -26.68 26.86 5.24
CA LYS A 34 -27.78 26.19 4.56
C LYS A 34 -27.41 25.86 3.11
N PHE A 35 -26.66 26.75 2.44
CA PHE A 35 -26.25 26.46 1.06
C PHE A 35 -25.22 25.35 1.00
N ALA A 36 -24.31 25.29 1.98
CA ALA A 36 -23.15 24.42 1.85
C ALA A 36 -23.48 22.94 1.99
N VAL A 37 -24.64 22.59 2.54
CA VAL A 37 -25.02 21.20 2.73
C VAL A 37 -26.14 20.79 1.78
N ASP A 38 -26.53 21.69 0.88
CA ASP A 38 -27.48 21.41 -0.20
C ASP A 38 -26.69 21.23 -1.49
N LYS A 39 -27.11 20.26 -2.32
CA LYS A 39 -26.35 20.00 -3.54
C LYS A 39 -26.40 21.20 -4.49
N THR A 40 -27.59 21.73 -4.74
CA THR A 40 -27.67 22.90 -5.61
C THR A 40 -26.96 24.09 -5.01
N GLY A 41 -27.13 24.31 -3.70
CA GLY A 41 -26.47 25.43 -3.05
C GLY A 41 -24.96 25.30 -3.09
N CYS A 42 -24.43 24.14 -2.71
CA CYS A 42 -22.99 23.98 -2.64
C CYS A 42 -22.37 23.97 -4.03
N GLN A 43 -23.08 23.47 -5.04
CA GLN A 43 -22.58 23.56 -6.40
C GLN A 43 -22.42 25.02 -6.83
N PHE A 44 -23.39 25.87 -6.48
CA PHE A 44 -23.25 27.30 -6.72
C PHE A 44 -22.02 27.85 -6.00
N LEU A 45 -21.85 27.49 -4.73
CA LEU A 45 -20.75 28.03 -3.94
C LEU A 45 -19.40 27.57 -4.48
N GLU A 46 -19.32 26.33 -4.94
CA GLU A 46 -18.06 25.79 -5.44
C GLU A 46 -17.63 26.48 -6.73
N LYS A 47 -18.59 26.84 -7.58
CA LYS A 47 -18.26 27.60 -8.77
C LYS A 47 -17.89 29.04 -8.43
N ALA A 48 -18.68 29.69 -7.56
CA ALA A 48 -18.43 31.08 -7.20
C ALA A 48 -17.06 31.24 -6.55
N VAL A 49 -16.71 30.31 -5.66
CA VAL A 49 -15.46 30.37 -4.93
C VAL A 49 -14.22 30.24 -5.82
N LYS A 50 -14.38 29.73 -7.05
CA LYS A 50 -13.27 29.58 -7.98
C LYS A 50 -12.95 30.83 -8.78
N GLY A 51 -13.83 31.83 -8.77
CA GLY A 51 -13.61 33.06 -9.51
C GLY A 51 -12.74 34.04 -8.76
N SER A 52 -12.70 35.27 -9.29
CA SER A 52 -12.02 36.37 -8.62
C SER A 52 -12.76 36.70 -7.33
N LEU A 53 -12.02 36.78 -6.24
CA LEU A 53 -12.56 37.11 -4.93
C LEU A 53 -11.95 38.43 -4.48
N THR A 54 -12.79 39.34 -3.99
CA THR A 54 -12.29 40.51 -3.30
C THR A 54 -11.71 40.12 -1.96
N SER A 55 -10.98 41.04 -1.34
CA SER A 55 -10.40 40.75 -0.03
C SER A 55 -11.50 40.49 1.01
N TYR A 56 -12.58 41.27 0.97
CA TYR A 56 -13.64 41.06 1.95
C TYR A 56 -14.36 39.72 1.73
N GLN A 57 -14.55 39.32 0.47
CA GLN A 57 -15.20 38.03 0.21
C GLN A 57 -14.37 36.89 0.79
N LYS A 58 -13.06 36.87 0.50
CA LYS A 58 -12.18 35.91 1.15
C LYS A 58 -12.35 35.96 2.67
N PHE A 59 -12.36 37.18 3.23
CA PHE A 59 -12.50 37.37 4.67
C PHE A 59 -13.75 36.66 5.19
N GLN A 60 -14.88 36.86 4.52
CA GLN A 60 -16.12 36.22 4.97
C GLN A 60 -16.04 34.71 4.84
N LEU A 61 -15.57 34.21 3.69
CA LEU A 61 -15.42 32.77 3.53
C LEU A 61 -14.54 32.19 4.63
N PHE A 62 -13.43 32.86 4.95
CA PHE A 62 -12.53 32.39 5.99
C PHE A 62 -13.24 32.27 7.34
N GLU A 63 -14.03 33.28 7.70
CA GLU A 63 -14.67 33.21 9.02
C GLU A 63 -15.88 32.27 9.03
N GLN A 64 -16.56 32.07 7.90
CA GLN A 64 -17.78 31.28 7.90
C GLN A 64 -17.55 29.82 7.56
N VAL A 65 -16.43 29.47 6.94
CA VAL A 65 -16.15 28.11 6.55
C VAL A 65 -15.07 27.48 7.42
N ILE A 66 -14.00 28.22 7.72
CA ILE A 66 -12.89 27.68 8.50
C ILE A 66 -12.60 28.53 9.73
N GLY A 67 -13.55 29.36 10.15
CA GLY A 67 -13.30 30.27 11.25
C GLY A 67 -13.77 29.80 12.61
N ARG A 68 -14.86 29.03 12.66
CA ARG A 68 -15.42 28.51 13.90
C ARG A 68 -15.41 26.99 13.88
N LYS A 69 -15.06 26.37 15.01
CA LYS A 69 -14.77 24.94 15.03
C LYS A 69 -16.00 24.11 14.66
N ASP A 70 -17.16 24.46 15.22
CA ASP A 70 -18.35 23.64 15.04
C ASP A 70 -18.81 23.63 13.59
N ASP A 71 -18.90 24.81 12.97
CA ASP A 71 -19.32 24.87 11.58
C ASP A 71 -18.29 24.24 10.64
N PHE A 72 -16.99 24.43 10.94
CA PHE A 72 -15.93 23.76 10.18
C PHE A 72 -16.10 22.24 10.20
N LEU A 73 -16.42 21.68 11.38
CA LEU A 73 -16.60 20.23 11.49
C LEU A 73 -17.89 19.78 10.83
N LYS A 74 -18.98 20.54 11.02
CA LYS A 74 -20.23 20.22 10.34
C LYS A 74 -20.04 20.19 8.83
N LEU A 75 -19.29 21.15 8.29
CA LEU A 75 -19.05 21.15 6.84
C LEU A 75 -18.08 20.04 6.43
N SER A 76 -17.03 19.80 7.24
CA SER A 76 -15.99 18.84 6.88
C SER A 76 -16.52 17.41 6.82
N THR A 77 -17.45 17.07 7.70
CA THR A 77 -18.08 15.76 7.73
C THR A 77 -19.31 15.68 6.85
N ASN A 78 -19.54 16.66 5.99
CA ASN A 78 -20.75 16.69 5.17
C ASN A 78 -20.41 16.29 3.74
N ILE A 79 -21.37 15.61 3.12
CA ILE A 79 -21.19 15.03 1.79
C ILE A 79 -20.83 16.09 0.78
N PHE A 80 -21.50 17.24 0.84
CA PHE A 80 -21.17 18.36 -0.03
C PHE A 80 -20.20 19.34 0.59
N GLY A 81 -20.42 19.69 1.87
CA GLY A 81 -19.60 20.71 2.51
C GLY A 81 -18.11 20.43 2.45
N ASN A 82 -17.71 19.16 2.53
CA ASN A 82 -16.29 18.87 2.60
C ASN A 82 -15.54 19.42 1.39
N TYR A 83 -16.20 19.52 0.24
CA TYR A 83 -15.56 20.10 -0.93
C TYR A 83 -15.34 21.60 -0.78
N LEU A 84 -16.34 22.31 -0.25
CA LEU A 84 -16.19 23.74 0.02
C LEU A 84 -15.09 23.98 1.03
N VAL A 85 -14.99 23.12 2.05
CA VAL A 85 -13.92 23.30 3.04
C VAL A 85 -12.57 23.19 2.37
N GLN A 86 -12.41 22.18 1.51
CA GLN A 86 -11.12 22.01 0.84
C GLN A 86 -10.79 23.22 -0.04
N SER A 87 -11.78 23.77 -0.75
CA SER A 87 -11.53 24.92 -1.61
C SER A 87 -11.14 26.14 -0.79
N VAL A 88 -11.83 26.38 0.32
CA VAL A 88 -11.55 27.55 1.13
C VAL A 88 -10.18 27.45 1.80
N ILE A 89 -9.76 26.23 2.15
CA ILE A 89 -8.40 26.05 2.67
C ILE A 89 -7.37 26.40 1.60
N GLY A 90 -7.63 26.01 0.35
CA GLY A 90 -6.69 26.36 -0.71
C GLY A 90 -6.61 27.86 -0.91
N ILE A 91 -7.75 28.54 -0.85
CA ILE A 91 -7.76 29.99 -0.98
C ILE A 91 -7.02 30.64 0.19
N SER A 92 -7.21 30.10 1.39
CA SER A 92 -6.55 30.62 2.57
C SER A 92 -5.03 30.50 2.44
N LEU A 93 -4.56 29.38 1.90
CA LEU A 93 -3.13 29.17 1.72
C LEU A 93 -2.56 30.07 0.62
N ALA A 94 -3.40 30.48 -0.34
CA ALA A 94 -2.98 31.35 -1.43
C ALA A 94 -3.06 32.84 -1.08
N THR A 95 -3.51 33.20 0.13
CA THR A 95 -3.76 34.59 0.50
C THR A 95 -2.83 35.03 1.63
N ASN A 96 -1.73 35.69 1.28
CA ASN A 96 -0.70 36.03 2.27
C ASN A 96 -0.92 37.43 2.84
N ASP A 97 -2.08 37.60 3.48
CA ASP A 97 -2.39 38.80 4.24
C ASP A 97 -1.96 38.62 5.68
N ASP A 98 -2.24 39.64 6.50
CA ASP A 98 -1.78 39.63 7.90
C ASP A 98 -2.36 38.47 8.67
N GLY A 99 -3.64 38.15 8.45
CA GLY A 99 -4.27 37.11 9.22
C GLY A 99 -3.92 35.70 8.79
N TYR A 100 -2.95 35.56 7.87
CA TYR A 100 -2.63 34.23 7.31
C TYR A 100 -2.30 33.25 8.42
N THR A 101 -1.33 33.61 9.26
CA THR A 101 -0.78 32.68 10.25
C THR A 101 -1.84 32.24 11.25
N LYS A 102 -2.62 33.20 11.78
CA LYS A 102 -3.68 32.82 12.70
C LYS A 102 -4.69 31.89 12.05
N ARG A 103 -4.91 32.02 10.73
CA ARG A 103 -5.85 31.13 10.06
C ARG A 103 -5.32 29.71 10.00
N GLN A 104 -4.05 29.56 9.68
CA GLN A 104 -3.51 28.22 9.48
CA GLN A 104 -3.53 28.21 9.48
C GLN A 104 -3.32 27.51 10.83
N GLU A 105 -2.87 28.25 11.85
CA GLU A 105 -2.73 27.62 13.16
C GLU A 105 -4.09 27.20 13.72
N LYS A 106 -5.11 28.04 13.53
CA LYS A 106 -6.46 27.69 13.95
C LYS A 106 -6.95 26.44 13.23
N LEU A 107 -6.67 26.33 11.93
CA LEU A 107 -7.06 25.15 11.18
C LEU A 107 -6.35 23.92 11.74
N LYS A 108 -5.09 24.06 12.11
CA LYS A 108 -4.37 22.95 12.73
C LYS A 108 -5.01 22.56 14.06
N ASN A 109 -5.44 23.56 14.84
CA ASN A 109 -5.99 23.28 16.16
C ASN A 109 -7.35 22.59 16.06
N PHE A 110 -8.21 23.05 15.15
CA PHE A 110 -9.49 22.39 14.92
C PHE A 110 -9.30 20.90 14.61
N ILE A 111 -8.53 20.60 13.56
CA ILE A 111 -8.34 19.21 13.16
C ILE A 111 -7.62 18.43 14.26
N SER A 112 -6.59 19.01 14.88
CA SER A 112 -5.87 18.31 15.95
C SER A 112 -6.81 17.83 17.05
N SER A 113 -7.71 18.71 17.51
CA SER A 113 -8.58 18.36 18.62
C SER A 113 -9.56 17.26 18.27
N GLN A 114 -9.87 17.07 16.99
CA GLN A 114 -10.83 16.08 16.54
C GLN A 114 -10.21 15.07 15.57
N MET A 115 -8.87 14.90 15.65
CA MET A 115 -8.13 14.14 14.65
C MET A 115 -8.72 12.76 14.40
N THR A 116 -8.97 12.00 15.48
CA THR A 116 -9.40 10.61 15.30
C THR A 116 -10.76 10.54 14.60
N ASP A 117 -11.74 11.26 15.13
CA ASP A 117 -13.09 11.19 14.57
C ASP A 117 -13.12 11.65 13.12
N MET A 118 -12.34 12.68 12.79
CA MET A 118 -12.33 13.17 11.42
C MET A 118 -11.67 12.16 10.48
N CYS A 119 -10.60 11.50 10.94
CA CYS A 119 -9.94 10.48 10.12
C CYS A 119 -10.90 9.37 9.75
N LEU A 120 -11.72 8.93 10.69
CA LEU A 120 -12.63 7.80 10.48
C LEU A 120 -13.90 8.21 9.75
N ASP A 121 -14.07 9.48 9.40
CA ASP A 121 -15.25 9.92 8.69
C ASP A 121 -14.98 9.90 7.20
N LYS A 122 -15.96 9.42 6.43
CA LYS A 122 -15.79 9.28 4.99
C LYS A 122 -15.41 10.62 4.36
N PHE A 123 -15.99 11.71 4.83
CA PHE A 123 -15.79 12.99 4.19
C PHE A 123 -14.71 13.84 4.83
N ALA A 124 -14.61 13.86 6.18
CA ALA A 124 -13.58 14.65 6.84
C ALA A 124 -12.17 14.11 6.59
N CYS A 125 -12.04 12.81 6.36
CA CYS A 125 -10.71 12.28 6.07
C CYS A 125 -10.16 12.84 4.76
N ARG A 126 -11.03 13.33 3.87
CA ARG A 126 -10.56 14.03 2.67
C ARG A 126 -10.05 15.43 3.01
N VAL A 127 -10.66 16.11 3.99
CA VAL A 127 -10.16 17.39 4.47
C VAL A 127 -8.78 17.23 5.08
N ILE A 128 -8.58 16.14 5.83
CA ILE A 128 -7.27 15.87 6.43
C ILE A 128 -6.23 15.59 5.35
N GLN A 129 -6.57 14.74 4.39
CA GLN A 129 -5.60 14.41 3.36
C GLN A 129 -5.24 15.66 2.58
N SER A 130 -6.23 16.51 2.29
CA SER A 130 -5.96 17.74 1.57
C SER A 130 -5.02 18.64 2.37
N SER A 131 -5.30 18.80 3.66
CA SER A 131 -4.48 19.67 4.50
C SER A 131 -3.04 19.15 4.62
N LEU A 132 -2.86 17.83 4.76
CA LEU A 132 -1.51 17.31 4.93
C LEU A 132 -0.61 17.63 3.74
N GLN A 133 -1.15 17.67 2.52
CA GLN A 133 -0.27 17.88 1.39
C GLN A 133 -0.20 19.32 0.92
N ASN A 134 -1.14 20.17 1.34
CA ASN A 134 -1.17 21.55 0.87
C ASN A 134 -0.73 22.56 1.92
N MET A 135 -0.93 22.30 3.20
CA MET A 135 -0.56 23.24 4.24
C MET A 135 0.96 23.37 4.33
N ASP A 136 1.40 24.47 4.97
CA ASP A 136 2.81 24.61 5.28
C ASP A 136 3.30 23.36 6.00
N LEU A 137 4.48 22.88 5.57
CA LEU A 137 4.97 21.62 6.10
C LEU A 137 5.07 21.66 7.62
N SER A 138 5.53 22.79 8.18
CA SER A 138 5.64 22.86 9.64
C SER A 138 4.30 22.65 10.33
N LEU A 139 3.21 23.14 9.73
CA LEU A 139 1.90 22.90 10.33
C LEU A 139 1.38 21.51 10.02
N ALA A 140 1.60 21.02 8.80
CA ALA A 140 1.23 19.65 8.47
C ALA A 140 1.86 18.66 9.44
N CYS A 141 3.12 18.89 9.82
CA CYS A 141 3.75 17.98 10.78
C CYS A 141 3.02 17.96 12.12
N LYS A 142 2.44 19.08 12.54
CA LYS A 142 1.75 19.07 13.83
C LYS A 142 0.45 18.27 13.77
N LEU A 143 -0.19 18.18 12.59
CA LEU A 143 -1.35 17.32 12.41
C LEU A 143 -1.01 15.88 12.68
N VAL A 144 0.05 15.39 12.02
CA VAL A 144 0.55 14.03 12.26
C VAL A 144 0.71 13.76 13.74
N GLN A 145 1.24 14.74 14.49
CA GLN A 145 1.47 14.52 15.92
C GLN A 145 0.17 14.31 16.69
N ALA A 146 -0.95 14.80 16.16
CA ALA A 146 -2.25 14.62 16.82
C ALA A 146 -2.83 13.22 16.64
N LEU A 147 -2.19 12.35 15.87
CA LEU A 147 -2.71 10.99 15.74
C LEU A 147 -2.62 10.28 17.09
N PRO A 148 -3.58 9.41 17.41
CA PRO A 148 -3.50 8.66 18.67
C PRO A 148 -2.35 7.66 18.67
N ARG A 149 -1.90 7.35 19.88
CA ARG A 149 -0.86 6.35 20.10
C ARG A 149 -1.39 5.07 20.75
N ASP A 150 -2.72 4.91 20.83
CA ASP A 150 -3.28 3.74 21.50
C ASP A 150 -4.13 2.92 20.56
N ALA A 151 -5.06 2.12 21.12
CA ALA A 151 -5.89 1.21 20.33
C ALA A 151 -6.58 1.91 19.16
N ARG A 152 -6.87 3.22 19.28
CA ARG A 152 -7.49 3.93 18.18
C ARG A 152 -6.62 3.93 16.92
N LEU A 153 -5.30 3.87 17.07
CA LEU A 153 -4.44 3.89 15.88
C LEU A 153 -4.58 2.58 15.08
N ILE A 154 -4.72 1.44 15.77
CA ILE A 154 -5.07 0.20 15.09
C ILE A 154 -6.33 0.38 14.27
N ALA A 155 -7.39 0.90 14.92
CA ALA A 155 -8.65 1.17 14.25
C ALA A 155 -8.47 2.12 13.07
N ILE A 156 -7.57 3.10 13.20
CA ILE A 156 -7.38 4.02 12.09
C ILE A 156 -6.72 3.31 10.91
N CYS A 157 -5.72 2.47 11.19
CA CYS A 157 -5.04 1.73 10.13
C CYS A 157 -5.96 0.75 9.41
N VAL A 158 -6.92 0.16 10.12
CA VAL A 158 -7.74 -0.86 9.47
C VAL A 158 -9.06 -0.26 8.99
N ASP A 159 -9.22 1.06 9.10
CA ASP A 159 -10.47 1.68 8.67
C ASP A 159 -10.47 1.91 7.16
N GLN A 160 -11.62 1.63 6.54
CA GLN A 160 -11.80 1.80 5.10
C GLN A 160 -11.53 3.23 4.64
N ASN A 161 -11.79 4.23 5.49
CA ASN A 161 -11.47 5.61 5.15
C ASN A 161 -10.12 6.08 5.72
N ALA A 162 -9.91 5.88 7.02
CA ALA A 162 -8.75 6.45 7.69
C ALA A 162 -7.44 5.81 7.25
N ASN A 163 -7.47 4.60 6.69
CA ASN A 163 -6.21 4.02 6.24
C ASN A 163 -5.55 4.91 5.18
N HIS A 164 -6.36 5.62 4.40
CA HIS A 164 -5.83 6.54 3.40
C HIS A 164 -5.18 7.77 4.03
N VAL A 165 -5.59 8.15 5.25
CA VAL A 165 -4.90 9.25 5.92
C VAL A 165 -3.48 8.83 6.28
N ILE A 166 -3.29 7.61 6.80
CA ILE A 166 -1.95 7.15 7.14
C ILE A 166 -1.08 7.08 5.90
N GLN A 167 -1.63 6.57 4.80
CA GLN A 167 -0.84 6.49 3.57
C GLN A 167 -0.50 7.87 3.04
N LYS A 168 -1.38 8.85 3.23
CA LYS A 168 -1.05 10.21 2.82
C LYS A 168 0.07 10.79 3.67
N VAL A 169 0.02 10.55 4.98
CA VAL A 169 1.11 11.01 5.85
C VAL A 169 2.43 10.45 5.36
N VAL A 170 2.44 9.15 5.03
CA VAL A 170 3.65 8.48 4.58
C VAL A 170 4.17 9.12 3.29
N ALA A 171 3.27 9.57 2.42
CA ALA A 171 3.71 10.10 1.13
C ALA A 171 4.26 11.54 1.24
N VAL A 172 3.72 12.39 2.13
CA VAL A 172 4.03 13.82 2.02
C VAL A 172 4.64 14.40 3.28
N ILE A 173 4.95 13.59 4.28
CA ILE A 173 5.54 14.11 5.52
C ILE A 173 6.88 13.43 5.75
N PRO A 174 7.92 14.15 6.20
CA PRO A 174 9.21 13.48 6.45
C PRO A 174 9.10 12.44 7.56
N LEU A 175 9.92 11.40 7.43
CA LEU A 175 9.79 10.23 8.29
C LEU A 175 9.86 10.58 9.78
N LYS A 176 10.65 11.61 10.14
CA LYS A 176 10.88 11.89 11.55
C LYS A 176 9.57 12.12 12.30
N ASN A 177 8.60 12.71 11.63
CA ASN A 177 7.30 12.99 12.23
C ASN A 177 6.41 11.77 12.39
N TRP A 178 6.61 10.71 11.60
CA TRP A 178 5.75 9.54 11.73
C TRP A 178 6.52 8.27 12.09
N GLU A 179 7.78 8.42 12.53
CA GLU A 179 8.51 7.25 12.98
C GLU A 179 7.76 6.50 14.08
N PHE A 180 6.98 7.23 14.90
CA PHE A 180 6.22 6.54 15.94
C PHE A 180 5.23 5.54 15.34
N ILE A 181 4.77 5.79 14.11
CA ILE A 181 3.83 4.86 13.49
C ILE A 181 4.54 3.56 13.12
N VAL A 182 5.78 3.65 12.63
CA VAL A 182 6.54 2.44 12.30
C VAL A 182 6.72 1.59 13.55
N ASP A 183 7.13 2.21 14.65
CA ASP A 183 7.34 1.46 15.88
C ASP A 183 6.02 0.96 16.47
N PHE A 184 4.95 1.75 16.33
CA PHE A 184 3.64 1.25 16.71
C PHE A 184 3.30 -0.02 15.94
N VAL A 185 3.42 0.04 14.62
CA VAL A 185 3.06 -1.09 13.78
C VAL A 185 4.00 -2.26 13.99
N ALA A 186 5.26 -2.01 14.33
CA ALA A 186 6.20 -3.11 14.51
C ALA A 186 5.97 -3.89 15.80
N THR A 187 5.29 -3.30 16.78
CA THR A 187 4.96 -4.05 17.99
C THR A 187 4.19 -5.31 17.62
N PRO A 188 4.65 -6.50 18.02
CA PRO A 188 4.16 -7.76 17.40
C PRO A 188 2.65 -7.93 17.42
N GLU A 189 1.99 -7.61 18.54
CA GLU A 189 0.54 -7.75 18.59
C GLU A 189 -0.14 -6.82 17.59
N HIS A 190 0.35 -5.58 17.46
CA HIS A 190 -0.20 -4.65 16.47
C HIS A 190 0.05 -5.13 15.05
N LEU A 191 1.29 -5.53 14.74
CA LEU A 191 1.60 -6.01 13.41
C LEU A 191 0.66 -7.14 12.99
N ARG A 192 0.35 -8.05 13.93
CA ARG A 192 -0.52 -9.17 13.61
C ARG A 192 -1.91 -8.68 13.19
N GLN A 193 -2.47 -7.73 13.96
CA GLN A 193 -3.79 -7.20 13.63
C GLN A 193 -3.77 -6.40 12.34
N ILE A 194 -2.71 -5.62 12.10
CA ILE A 194 -2.78 -4.71 10.97
C ILE A 194 -2.50 -5.43 9.66
N CYS A 195 -1.51 -6.32 9.61
CA CYS A 195 -1.19 -6.97 8.33
C CYS A 195 -2.26 -7.97 7.88
N SER A 196 -2.98 -8.58 8.80
N SER A 196 -3.00 -8.57 8.81
CA SER A 196 -4.04 -9.52 8.46
CA SER A 196 -4.04 -9.53 8.45
C SER A 196 -5.38 -8.85 8.23
C SER A 196 -5.37 -8.88 8.12
N ASP A 197 -5.37 -7.58 7.80
CA ASP A 197 -6.59 -6.84 7.49
C ASP A 197 -6.47 -6.27 6.08
N LYS A 198 -7.60 -6.16 5.39
CA LYS A 198 -7.58 -5.74 3.99
C LYS A 198 -6.96 -4.36 3.83
N TYR A 199 -7.35 -3.40 4.67
CA TYR A 199 -6.80 -2.06 4.50
C TYR A 199 -5.44 -1.90 5.17
N GLY A 200 -5.26 -2.53 6.34
CA GLY A 200 -3.99 -2.43 7.02
C GLY A 200 -2.82 -2.99 6.22
N ALA A 201 -3.06 -4.01 5.41
CA ALA A 201 -1.97 -4.58 4.60
C ALA A 201 -1.49 -3.60 3.55
N TYR A 202 -2.39 -2.79 2.98
CA TYR A 202 -1.95 -1.69 2.12
C TYR A 202 -1.14 -0.67 2.89
N VAL A 203 -1.52 -0.41 4.14
CA VAL A 203 -0.76 0.55 4.95
C VAL A 203 0.67 0.06 5.16
N VAL A 204 0.82 -1.20 5.59
CA VAL A 204 2.15 -1.71 5.90
C VAL A 204 3.00 -1.71 4.63
N SER A 205 2.38 -2.05 3.49
CA SER A 205 3.12 -2.08 2.24
C SER A 205 3.56 -0.69 1.81
N THR A 206 2.69 0.30 1.97
CA THR A 206 3.08 1.67 1.63
C THR A 206 4.24 2.14 2.50
N ILE A 207 4.21 1.80 3.80
CA ILE A 207 5.30 2.19 4.68
C ILE A 207 6.61 1.59 4.20
N ILE A 208 6.60 0.28 3.92
CA ILE A 208 7.81 -0.41 3.48
C ILE A 208 8.37 0.25 2.23
N GLU A 209 7.49 0.56 1.28
CA GLU A 209 7.90 1.26 0.07
C GLU A 209 8.57 2.59 0.40
N LYS A 210 7.97 3.37 1.30
CA LYS A 210 8.57 4.66 1.64
C LYS A 210 9.90 4.48 2.37
N LEU A 211 10.08 3.41 3.12
CA LEU A 211 11.33 3.19 3.84
C LEU A 211 12.40 2.49 3.00
N THR A 212 12.16 2.34 1.70
CA THR A 212 13.05 1.59 0.82
C THR A 212 13.97 2.57 0.13
N ALA A 213 15.26 2.25 0.10
CA ALA A 213 16.26 3.10 -0.55
C ALA A 213 16.27 2.81 -2.06
N ASP A 214 15.22 3.28 -2.73
CA ASP A 214 15.10 3.10 -4.17
C ASP A 214 15.29 4.44 -4.88
N SER A 215 15.07 4.43 -6.21
CA SER A 215 15.35 5.62 -7.01
C SER A 215 14.48 6.82 -6.61
N MET A 216 13.36 6.58 -5.93
CA MET A 216 12.47 7.64 -5.49
C MET A 216 12.97 8.33 -4.23
N ASN A 217 14.01 7.81 -3.57
CA ASN A 217 14.53 8.42 -2.35
C ASN A 217 15.94 8.95 -2.51
N VAL A 218 16.43 9.09 -3.75
CA VAL A 218 17.79 9.60 -3.92
C VAL A 218 17.91 11.03 -3.43
N ASP A 219 16.79 11.74 -3.26
CA ASP A 219 16.86 13.13 -2.81
C ASP A 219 17.04 13.28 -1.30
N LEU A 220 17.03 12.19 -0.55
CA LEU A 220 17.21 12.33 0.89
C LEU A 220 18.64 12.71 1.21
N THR A 221 18.82 13.50 2.27
CA THR A 221 20.15 13.63 2.86
C THR A 221 20.62 12.27 3.39
N SER A 222 21.93 12.16 3.58
CA SER A 222 22.53 10.98 4.22
C SER A 222 21.93 10.76 5.61
N ALA A 223 21.84 11.82 6.43
CA ALA A 223 21.21 11.67 7.73
C ALA A 223 19.80 11.10 7.60
N ALA A 224 19.02 11.57 6.62
CA ALA A 224 17.67 11.03 6.46
C ALA A 224 17.71 9.59 6.01
N GLN A 225 18.75 9.20 5.27
CA GLN A 225 18.85 7.79 4.86
C GLN A 225 19.14 6.91 6.06
N ASN A 226 20.01 7.36 6.96
CA ASN A 226 20.22 6.63 8.20
C ASN A 226 18.93 6.48 8.99
N LEU A 227 18.22 7.59 9.22
CA LEU A 227 16.90 7.52 9.85
C LEU A 227 16.02 6.49 9.16
N ARG A 228 15.99 6.54 7.83
CA ARG A 228 15.14 5.61 7.07
C ARG A 228 15.61 4.16 7.26
N GLU A 229 16.92 3.93 7.15
CA GLU A 229 17.42 2.55 7.25
C GLU A 229 17.08 1.96 8.60
N ARG A 230 17.11 2.78 9.66
CA ARG A 230 16.84 2.29 11.00
C ARG A 230 15.38 1.90 11.16
N ALA A 231 14.47 2.76 10.71
CA ALA A 231 13.07 2.42 10.79
C ALA A 231 12.78 1.18 9.93
N LEU A 232 13.46 1.07 8.79
CA LEU A 232 13.29 -0.10 7.93
C LEU A 232 13.71 -1.36 8.66
N GLN A 233 14.80 -1.29 9.41
CA GLN A 233 15.31 -2.50 10.05
C GLN A 233 14.44 -2.89 11.25
N ARG A 234 13.94 -1.90 11.98
CA ARG A 234 12.99 -2.19 13.06
C ARG A 234 11.78 -2.94 12.53
N LEU A 235 11.23 -2.49 11.40
CA LEU A 235 10.03 -3.12 10.87
C LEU A 235 10.31 -4.48 10.26
N MET A 236 11.44 -4.62 9.56
CA MET A 236 11.79 -5.91 8.97
C MET A 236 12.07 -6.94 10.04
N THR A 237 12.56 -6.52 11.21
CA THR A 237 12.79 -7.50 12.26
C THR A 237 11.47 -8.08 12.76
N SER A 238 10.45 -7.24 12.95
CA SER A 238 9.15 -7.75 13.37
C SER A 238 8.47 -8.56 12.27
N VAL A 239 8.61 -8.14 11.01
CA VAL A 239 7.97 -8.87 9.93
C VAL A 239 8.58 -10.26 9.79
N THR A 240 9.90 -10.36 9.93
CA THR A 240 10.58 -11.63 9.77
C THR A 240 10.36 -12.57 10.95
N ASN A 241 10.01 -12.04 12.12
CA ASN A 241 9.71 -12.92 13.25
C ASN A 241 8.33 -13.57 13.13
N ARG A 242 7.37 -12.90 12.51
CA ARG A 242 6.05 -13.46 12.25
C ARG A 242 5.90 -13.93 10.81
N CYS A 243 7.00 -14.33 10.19
CA CYS A 243 7.01 -14.43 8.74
C CYS A 243 6.09 -15.55 8.24
N GLN A 244 6.10 -16.70 8.91
CA GLN A 244 5.21 -17.80 8.57
C GLN A 244 3.75 -17.36 8.63
N GLU A 245 3.36 -16.72 9.73
CA GLU A 245 1.98 -16.25 9.89
C GLU A 245 1.57 -15.29 8.79
N LEU A 246 2.47 -14.39 8.38
CA LEU A 246 2.08 -13.40 7.38
C LEU A 246 2.05 -14.00 5.99
N ALA A 247 2.98 -14.89 5.70
CA ALA A 247 3.06 -15.50 4.38
C ALA A 247 1.81 -16.31 4.05
N THR A 248 1.18 -16.93 5.05
CA THR A 248 0.01 -17.77 4.78
C THR A 248 -1.31 -17.01 4.91
N ASN A 249 -1.28 -15.72 5.23
CA ASN A 249 -2.51 -14.97 5.45
C ASN A 249 -3.05 -14.39 4.15
N GLU A 250 -4.39 -14.30 4.07
CA GLU A 250 -5.07 -13.86 2.85
C GLU A 250 -4.66 -12.45 2.42
N TYR A 251 -4.31 -11.58 3.37
CA TYR A 251 -3.87 -10.23 3.02
C TYR A 251 -2.37 -10.02 3.21
N ALA A 252 -1.78 -10.54 4.29
CA ALA A 252 -0.38 -10.23 4.55
C ALA A 252 0.58 -10.91 3.58
N ASN A 253 0.13 -11.90 2.80
CA ASN A 253 1.04 -12.54 1.85
C ASN A 253 1.53 -11.53 0.81
N TYR A 254 0.75 -10.49 0.53
CA TYR A 254 1.19 -9.45 -0.39
C TYR A 254 2.37 -8.66 0.17
N ILE A 255 2.42 -8.46 1.48
CA ILE A 255 3.57 -7.79 2.09
C ILE A 255 4.83 -8.62 1.91
N ILE A 256 4.73 -9.94 2.18
CA ILE A 256 5.90 -10.80 2.02
C ILE A 256 6.34 -10.84 0.56
N GLN A 257 5.38 -10.95 -0.36
CA GLN A 257 5.74 -10.88 -1.78
C GLN A 257 6.43 -9.58 -2.11
N HIS A 258 5.89 -8.46 -1.63
CA HIS A 258 6.51 -7.16 -1.91
C HIS A 258 7.97 -7.14 -1.46
N ILE A 259 8.23 -7.59 -0.23
CA ILE A 259 9.61 -7.64 0.26
C ILE A 259 10.47 -8.54 -0.62
N VAL A 260 9.96 -9.75 -0.91
CA VAL A 260 10.77 -10.76 -1.58
C VAL A 260 11.10 -10.34 -3.00
N SER A 261 10.22 -9.59 -3.65
CA SER A 261 10.44 -9.30 -5.06
C SER A 261 11.13 -7.96 -5.32
N ASN A 262 11.51 -7.21 -4.29
CA ASN A 262 12.11 -5.89 -4.49
C ASN A 262 13.63 -6.02 -4.32
N ASP A 263 14.35 -5.72 -5.38
CA ASP A 263 15.79 -5.85 -5.34
C ASP A 263 16.41 -4.90 -4.33
N ASP A 264 15.77 -3.75 -4.08
CA ASP A 264 16.27 -2.81 -3.09
C ASP A 264 16.02 -3.27 -1.65
N LEU A 265 15.33 -4.39 -1.46
CA LEU A 265 15.19 -5.04 -0.16
C LEU A 265 15.95 -6.38 -0.12
N ALA A 266 16.99 -6.53 -0.94
CA ALA A 266 17.57 -7.86 -1.19
C ALA A 266 18.01 -8.54 0.11
N VAL A 267 18.58 -7.80 1.06
CA VAL A 267 19.02 -8.48 2.28
C VAL A 267 17.81 -8.98 3.08
N TYR A 268 16.66 -8.33 2.95
CA TYR A 268 15.48 -8.84 3.67
C TYR A 268 14.80 -9.96 2.91
N ARG A 269 14.81 -9.91 1.58
CA ARG A 269 14.46 -11.09 0.80
C ARG A 269 15.17 -12.34 1.31
N GLU A 270 16.49 -12.24 1.53
CA GLU A 270 17.27 -13.42 1.89
C GLU A 270 16.94 -13.91 3.29
N CYS A 271 16.71 -13.00 4.25
CA CYS A 271 16.32 -13.43 5.58
C CYS A 271 14.98 -14.13 5.56
N ILE A 272 14.03 -13.62 4.78
CA ILE A 272 12.71 -14.25 4.74
C ILE A 272 12.83 -15.67 4.21
N ILE A 273 13.53 -15.84 3.10
CA ILE A 273 13.65 -17.14 2.49
C ILE A 273 14.24 -18.15 3.47
N GLU A 274 15.29 -17.76 4.20
CA GLU A 274 15.93 -18.70 5.11
C GLU A 274 15.12 -18.90 6.39
N LYS A 275 14.56 -17.81 6.95
CA LYS A 275 13.85 -17.91 8.22
C LYS A 275 12.54 -18.65 8.07
N CYS A 276 11.90 -18.52 6.92
CA CYS A 276 10.50 -18.90 6.79
C CYS A 276 10.25 -19.97 5.73
N LEU A 277 10.75 -19.78 4.51
CA LEU A 277 10.38 -20.64 3.40
C LEU A 277 11.24 -21.90 3.34
N MET A 278 12.55 -21.75 3.49
CA MET A 278 13.48 -22.88 3.37
C MET A 278 13.12 -23.93 4.40
N ARG A 279 13.13 -25.19 3.95
CA ARG A 279 12.72 -26.38 4.68
C ARG A 279 11.20 -26.51 4.78
N ASN A 280 10.43 -25.56 4.26
CA ASN A 280 8.97 -25.66 4.27
C ASN A 280 8.39 -25.48 2.87
N LEU A 281 9.20 -25.67 1.83
CA LEU A 281 8.76 -25.35 0.49
C LEU A 281 7.60 -26.24 0.05
N LEU A 282 7.69 -27.53 0.36
CA LEU A 282 6.62 -28.44 -0.05
C LEU A 282 5.30 -28.08 0.64
N SER A 283 5.36 -27.82 1.95
CA SER A 283 4.15 -27.49 2.69
C SER A 283 3.53 -26.19 2.20
N LEU A 284 4.35 -25.15 2.00
CA LEU A 284 3.85 -23.83 1.65
C LEU A 284 3.41 -23.77 0.19
N SER A 285 4.05 -24.56 -0.67
CA SER A 285 3.56 -24.69 -2.04
C SER A 285 2.13 -25.24 -2.11
N GLN A 286 1.63 -25.88 -1.06
CA GLN A 286 0.26 -26.39 -1.08
C GLN A 286 -0.72 -25.47 -0.35
N GLU A 287 -0.28 -24.27 0.03
CA GLU A 287 -1.13 -23.26 0.65
C GLU A 287 -1.66 -22.31 -0.42
N LYS A 288 -2.92 -21.91 -0.26
CA LYS A 288 -3.50 -20.99 -1.22
C LYS A 288 -2.73 -19.67 -1.27
N PHE A 289 -2.47 -19.06 -0.11
CA PHE A 289 -1.82 -17.75 -0.16
C PHE A 289 -0.30 -17.84 -0.20
N ALA A 290 0.32 -18.74 0.58
CA ALA A 290 1.77 -18.77 0.59
C ALA A 290 2.36 -19.33 -0.71
N SER A 291 1.60 -20.07 -1.52
CA SER A 291 2.16 -20.56 -2.78
C SER A 291 2.58 -19.40 -3.68
N HIS A 292 1.89 -18.26 -3.58
CA HIS A 292 2.34 -17.06 -4.28
C HIS A 292 3.68 -16.57 -3.73
N VAL A 293 3.89 -16.70 -2.43
CA VAL A 293 5.16 -16.26 -1.86
C VAL A 293 6.28 -17.17 -2.34
N VAL A 294 6.02 -18.49 -2.40
CA VAL A 294 7.03 -19.43 -2.85
C VAL A 294 7.43 -19.13 -4.30
N GLU A 295 6.46 -18.75 -5.13
CA GLU A 295 6.77 -18.36 -6.50
C GLU A 295 7.71 -17.16 -6.55
N LYS A 296 7.39 -16.11 -5.76
CA LYS A 296 8.24 -14.93 -5.74
C LYS A 296 9.65 -15.29 -5.29
N ALA A 297 9.76 -16.18 -4.30
CA ALA A 297 11.08 -16.58 -3.83
C ALA A 297 11.89 -17.22 -4.95
N PHE A 298 11.29 -18.15 -5.69
CA PHE A 298 12.01 -18.78 -6.80
C PHE A 298 12.43 -17.77 -7.85
N LEU A 299 11.54 -16.80 -8.15
CA LEU A 299 11.78 -15.86 -9.23
C LEU A 299 12.89 -14.88 -8.88
N HIS A 300 13.11 -14.60 -7.59
CA HIS A 300 13.99 -13.51 -7.19
C HIS A 300 15.12 -13.94 -6.26
N ALA A 301 15.23 -15.22 -5.92
CA ALA A 301 16.28 -15.63 -5.00
C ALA A 301 17.65 -15.44 -5.65
N PRO A 302 18.65 -15.01 -4.88
CA PRO A 302 20.03 -15.09 -5.38
C PRO A 302 20.39 -16.53 -5.68
N LEU A 303 21.34 -16.71 -6.59
CA LEU A 303 21.50 -18.03 -7.21
C LEU A 303 21.94 -19.10 -6.21
N GLU A 304 22.69 -18.76 -5.18
CA GLU A 304 23.05 -19.86 -4.28
C GLU A 304 21.90 -20.22 -3.34
N LEU A 305 20.98 -19.30 -3.08
CA LEU A 305 19.76 -19.71 -2.39
C LEU A 305 18.84 -20.46 -3.35
N LEU A 306 18.76 -20.01 -4.60
CA LEU A 306 17.95 -20.70 -5.59
C LEU A 306 18.35 -22.17 -5.71
N ALA A 307 19.65 -22.44 -5.70
CA ALA A 307 20.15 -23.81 -5.76
C ALA A 307 19.65 -24.63 -4.59
N GLU A 308 19.66 -24.04 -3.38
CA GLU A 308 19.15 -24.74 -2.20
C GLU A 308 17.65 -24.97 -2.30
N MET A 309 16.91 -23.99 -2.84
CA MET A 309 15.48 -24.18 -3.04
C MET A 309 15.19 -25.28 -4.05
N MET A 310 15.92 -25.28 -5.16
CA MET A 310 15.78 -26.36 -6.15
C MET A 310 16.12 -27.71 -5.53
N ASP A 311 17.23 -27.78 -4.79
CA ASP A 311 17.64 -29.05 -4.21
C ASP A 311 16.66 -29.54 -3.16
N GLU A 312 15.98 -28.62 -2.46
CA GLU A 312 14.97 -29.03 -1.50
C GLU A 312 13.77 -29.69 -2.19
N ILE A 313 13.35 -29.16 -3.33
CA ILE A 313 12.26 -29.77 -4.10
C ILE A 313 12.70 -31.11 -4.71
N PHE A 314 13.87 -31.13 -5.37
CA PHE A 314 14.31 -32.34 -6.07
C PHE A 314 14.75 -33.44 -5.10
N ASP A 315 15.24 -33.06 -3.91
CA ASP A 315 15.90 -34.04 -3.04
C ASP A 315 15.68 -33.79 -1.54
N GLY A 316 14.78 -32.90 -1.13
CA GLY A 316 14.65 -32.62 0.29
C GLY A 316 13.73 -33.53 1.09
N TYR A 317 12.88 -34.31 0.43
CA TYR A 317 11.81 -35.01 1.14
C TYR A 317 11.88 -36.50 0.88
N ILE A 318 11.61 -37.28 1.93
CA ILE A 318 11.54 -38.72 1.78
C ILE A 318 10.33 -39.07 0.92
N PRO A 319 10.48 -39.86 -0.15
CA PRO A 319 9.31 -40.32 -0.91
C PRO A 319 8.34 -41.07 0.01
N HIS A 320 7.09 -41.10 -0.42
CA HIS A 320 6.05 -41.79 0.32
C HIS A 320 6.42 -43.27 0.50
N PRO A 321 6.37 -43.80 1.73
CA PRO A 321 6.91 -45.15 1.97
C PRO A 321 6.20 -46.24 1.19
N ASP A 322 4.94 -46.05 0.81
CA ASP A 322 4.20 -47.07 0.10
C ASP A 322 4.20 -46.87 -1.41
N THR A 323 3.97 -45.64 -1.87
CA THR A 323 3.81 -45.39 -3.30
C THR A 323 5.09 -44.94 -3.98
N GLY A 324 6.04 -44.35 -3.25
CA GLY A 324 7.19 -43.76 -3.91
C GLY A 324 6.95 -42.41 -4.53
N LYS A 325 5.77 -41.82 -4.34
CA LYS A 325 5.56 -40.43 -4.74
C LYS A 325 6.53 -39.51 -4.01
N ASP A 326 7.15 -38.58 -4.75
CA ASP A 326 8.05 -37.62 -4.15
C ASP A 326 7.43 -36.22 -4.19
N ALA A 327 8.19 -35.22 -3.74
CA ALA A 327 7.65 -33.86 -3.65
C ALA A 327 7.20 -33.36 -5.02
N LEU A 328 8.05 -33.56 -6.04
CA LEU A 328 7.69 -33.20 -7.40
C LEU A 328 6.38 -33.85 -7.84
N ASP A 329 6.17 -35.14 -7.51
CA ASP A 329 4.91 -35.80 -7.84
C ASP A 329 3.74 -35.10 -7.17
N ILE A 330 3.87 -34.79 -5.87
CA ILE A 330 2.79 -34.12 -5.16
C ILE A 330 2.51 -32.77 -5.80
N MET A 331 3.56 -32.00 -6.05
CA MET A 331 3.35 -30.60 -6.41
C MET A 331 2.78 -30.47 -7.82
N MET A 332 3.23 -31.32 -8.76
CA MET A 332 2.81 -31.20 -10.15
C MET A 332 1.31 -31.36 -10.31
N PHE A 333 0.68 -32.14 -9.44
CA PHE A 333 -0.74 -32.42 -9.58
C PHE A 333 -1.57 -31.73 -8.51
N HIS A 334 -0.97 -30.90 -7.68
CA HIS A 334 -1.67 -30.22 -6.59
C HIS A 334 -2.30 -28.92 -7.09
N GLN A 335 -3.43 -28.56 -6.47
CA GLN A 335 -4.21 -27.43 -6.97
C GLN A 335 -3.45 -26.11 -6.87
N PHE A 336 -2.54 -25.97 -5.91
CA PHE A 336 -1.71 -24.79 -5.83
C PHE A 336 -0.26 -25.11 -6.15
N GLY A 337 0.24 -26.28 -5.74
CA GLY A 337 1.63 -26.61 -5.99
C GLY A 337 1.98 -26.67 -7.47
N ASN A 338 0.99 -26.93 -8.33
CA ASN A 338 1.31 -27.03 -9.75
C ASN A 338 1.82 -25.71 -10.30
N TYR A 339 1.42 -24.59 -9.68
CA TYR A 339 1.88 -23.27 -10.15
C TYR A 339 3.35 -23.03 -9.78
N VAL A 340 3.83 -23.66 -8.71
CA VAL A 340 5.23 -23.50 -8.30
C VAL A 340 6.15 -24.30 -9.23
N VAL A 341 5.76 -25.52 -9.60
CA VAL A 341 6.56 -26.28 -10.55
C VAL A 341 6.64 -25.57 -11.91
N GLN A 342 5.52 -25.00 -12.38
N GLN A 342 5.51 -25.01 -12.37
CA GLN A 342 5.59 -24.24 -13.63
CA GLN A 342 5.52 -24.21 -13.60
C GLN A 342 6.54 -23.06 -13.50
C GLN A 342 6.50 -23.05 -13.49
N CYS A 343 6.55 -22.40 -12.34
CA CYS A 343 7.50 -21.32 -12.11
C CYS A 343 8.94 -21.83 -12.19
N MET A 344 9.25 -22.95 -11.51
CA MET A 344 10.58 -23.54 -11.61
C MET A 344 10.95 -23.83 -13.06
N LEU A 345 10.02 -24.44 -13.81
CA LEU A 345 10.32 -24.76 -15.20
C LEU A 345 10.58 -23.48 -16.00
N THR A 346 9.77 -22.45 -15.79
CA THR A 346 9.90 -21.23 -16.58
C THR A 346 11.23 -20.54 -16.30
N ILE A 347 11.67 -20.58 -15.05
CA ILE A 347 12.96 -19.99 -14.70
C ILE A 347 14.06 -20.70 -15.46
N CYS A 348 13.99 -22.03 -15.53
CA CYS A 348 15.05 -22.78 -16.18
C CYS A 348 15.06 -22.56 -17.69
N CYS A 349 13.87 -22.52 -18.32
CA CYS A 349 13.83 -22.24 -19.76
C CYS A 349 14.21 -20.80 -20.06
N ASP A 350 13.93 -19.86 -19.15
CA ASP A 350 14.41 -18.50 -19.37
C ASP A 350 15.92 -18.44 -19.34
N ALA A 351 16.55 -19.23 -18.46
CA ALA A 351 17.99 -19.20 -18.30
C ALA A 351 18.69 -19.75 -19.55
N VAL A 352 18.29 -20.94 -19.99
CA VAL A 352 19.05 -21.58 -21.07
C VAL A 352 18.79 -20.92 -22.41
N SER A 353 17.75 -20.10 -22.53
CA SER A 353 17.44 -19.39 -23.76
C SER A 353 17.94 -17.95 -23.76
N GLY A 354 18.64 -17.51 -22.72
CA GLY A 354 19.15 -16.17 -22.67
C GLY A 354 18.22 -15.14 -22.08
N ARG A 355 16.96 -15.50 -21.81
CA ARG A 355 16.05 -14.52 -21.23
C ARG A 355 16.38 -14.18 -19.79
N ARG A 356 17.26 -14.95 -19.14
CA ARG A 356 17.65 -14.66 -17.76
C ARG A 356 19.16 -14.77 -17.63
N GLN A 357 19.77 -13.76 -17.01
CA GLN A 357 21.20 -13.74 -16.77
C GLN A 357 21.60 -14.87 -15.81
N THR A 358 22.56 -15.70 -16.24
CA THR A 358 23.03 -16.80 -15.43
C THR A 358 24.32 -16.51 -14.69
N LYS A 359 25.03 -15.44 -15.07
CA LYS A 359 26.18 -14.98 -14.29
C LYS A 359 25.69 -14.29 -13.02
N GLU A 360 26.13 -14.80 -11.86
CA GLU A 360 26.00 -14.02 -10.63
C GLU A 360 27.38 -13.94 -9.98
N GLY A 361 27.47 -14.24 -8.68
CA GLY A 361 28.67 -13.98 -7.90
C GLY A 361 30.01 -14.42 -8.48
N GLY A 362 30.46 -13.73 -9.53
CA GLY A 362 31.70 -14.10 -10.17
C GLY A 362 31.70 -15.45 -10.84
N TYR A 363 30.52 -15.96 -11.24
CA TYR A 363 30.45 -17.25 -11.90
C TYR A 363 29.20 -17.35 -12.76
N ASP A 364 29.30 -18.12 -13.84
CA ASP A 364 28.19 -18.40 -14.76
C ASP A 364 27.51 -19.70 -14.33
N HIS A 365 26.38 -19.56 -13.64
CA HIS A 365 25.66 -20.72 -13.13
C HIS A 365 24.88 -21.49 -14.20
N ALA A 366 25.12 -21.17 -15.48
CA ALA A 366 24.44 -21.83 -16.58
C ALA A 366 24.32 -23.34 -16.40
N ILE A 367 25.42 -24.00 -16.05
CA ILE A 367 25.46 -25.45 -15.81
C ILE A 367 24.38 -25.87 -14.81
N SER A 368 24.09 -25.04 -13.80
CA SER A 368 23.11 -25.45 -12.79
C SER A 368 21.68 -25.41 -13.32
N PHE A 369 21.32 -24.37 -14.06
CA PHE A 369 20.00 -24.31 -14.67
C PHE A 369 19.78 -25.46 -15.63
N GLN A 370 20.83 -25.83 -16.38
CA GLN A 370 20.67 -26.94 -17.29
C GLN A 370 20.45 -28.24 -16.54
N ASP A 371 21.15 -28.41 -15.42
CA ASP A 371 20.90 -29.54 -14.53
C ASP A 371 19.45 -29.60 -14.11
N TRP A 372 18.93 -28.51 -13.53
CA TRP A 372 17.55 -28.51 -13.04
C TRP A 372 16.57 -28.74 -14.17
N LEU A 373 16.84 -28.15 -15.34
CA LEU A 373 15.94 -28.30 -16.49
C LEU A 373 15.87 -29.76 -16.93
N LYS A 374 17.03 -30.42 -17.00
CA LYS A 374 17.08 -31.83 -17.35
C LYS A 374 16.31 -32.69 -16.35
N LYS A 375 16.28 -32.29 -15.08
CA LYS A 375 15.45 -33.01 -14.11
C LYS A 375 13.98 -32.84 -14.43
N LEU A 376 13.54 -31.60 -14.61
CA LEU A 376 12.14 -31.39 -14.94
C LEU A 376 11.78 -32.06 -16.26
N HIS A 377 12.66 -31.96 -17.26
CA HIS A 377 12.38 -32.55 -18.56
C HIS A 377 12.23 -34.08 -18.44
N SER A 378 13.11 -34.71 -17.68
CA SER A 378 12.99 -36.16 -17.54
C SER A 378 11.70 -36.54 -16.82
N ARG A 379 11.32 -35.79 -15.77
CA ARG A 379 10.09 -36.11 -15.07
C ARG A 379 8.89 -35.93 -15.98
N VAL A 380 8.83 -34.78 -16.66
CA VAL A 380 7.68 -34.50 -17.51
C VAL A 380 7.59 -35.49 -18.66
N THR A 381 8.73 -35.94 -19.18
CA THR A 381 8.70 -36.95 -20.23
C THR A 381 8.12 -38.24 -19.70
N LYS A 382 8.62 -38.71 -18.54
CA LYS A 382 8.17 -40.00 -18.02
C LYS A 382 6.69 -39.97 -17.68
N GLU A 383 6.20 -38.85 -17.14
CA GLU A 383 4.84 -38.75 -16.67
C GLU A 383 3.94 -38.01 -17.66
N ARG A 384 4.28 -38.02 -18.95
CA ARG A 384 3.60 -37.12 -19.87
C ARG A 384 2.14 -37.51 -20.07
N HIS A 385 1.80 -38.79 -19.94
CA HIS A 385 0.42 -39.17 -20.17
C HIS A 385 -0.49 -38.66 -19.06
N ARG A 386 -0.11 -38.88 -17.79
CA ARG A 386 -0.89 -38.30 -16.70
C ARG A 386 -0.89 -36.78 -16.75
N LEU A 387 0.26 -36.18 -17.08
CA LEU A 387 0.32 -34.72 -17.08
C LEU A 387 -0.57 -34.12 -18.15
N SER A 388 -0.74 -34.81 -19.29
CA SER A 388 -1.53 -34.22 -20.37
C SER A 388 -3.03 -34.22 -20.07
N ARG A 389 -3.47 -34.86 -18.97
CA ARG A 389 -4.85 -34.72 -18.51
C ARG A 389 -5.13 -33.36 -17.90
N PHE A 390 -4.10 -32.61 -17.54
CA PHE A 390 -4.25 -31.38 -16.79
C PHE A 390 -3.77 -30.18 -17.61
N SER A 391 -4.46 -29.05 -17.42
CA SER A 391 -4.07 -27.79 -18.03
C SER A 391 -2.63 -27.45 -17.69
N SER A 392 -2.30 -27.45 -16.39
CA SER A 392 -0.92 -27.20 -15.96
C SER A 392 0.05 -28.16 -16.63
N GLY A 393 -0.34 -29.43 -16.77
CA GLY A 393 0.57 -30.40 -17.36
C GLY A 393 0.77 -30.16 -18.84
N LYS A 394 -0.30 -29.86 -19.56
CA LYS A 394 -0.20 -29.49 -20.98
C LYS A 394 0.68 -28.27 -21.16
N LYS A 395 0.62 -27.33 -20.21
CA LYS A 395 1.42 -26.12 -20.32
C LYS A 395 2.91 -26.41 -20.16
N MET A 396 3.26 -27.35 -19.27
CA MET A 396 4.68 -27.68 -19.12
C MET A 396 5.20 -28.42 -20.34
N ILE A 397 4.41 -29.35 -20.88
CA ILE A 397 4.79 -30.05 -22.11
C ILE A 397 4.99 -29.04 -23.23
N GLU A 398 4.10 -28.06 -23.33
CA GLU A 398 4.24 -27.02 -24.35
C GLU A 398 5.44 -26.14 -24.07
N THR A 399 5.68 -25.80 -22.81
CA THR A 399 6.83 -24.97 -22.47
C THR A 399 8.14 -25.65 -22.89
N LEU A 400 8.25 -26.97 -22.68
CA LEU A 400 9.45 -27.70 -23.09
C LEU A 400 9.53 -27.85 -24.60
N ALA A 401 8.39 -27.99 -25.28
CA ALA A 401 8.41 -28.09 -26.74
C ALA A 401 8.80 -26.76 -27.37
N ASN A 402 8.38 -25.64 -26.77
CA ASN A 402 8.77 -24.33 -27.29
C ASN A 402 10.27 -24.05 -27.09
N LEU A 403 10.89 -24.69 -26.10
CA LEU A 403 12.32 -24.50 -25.88
C LEU A 403 13.14 -25.21 -26.95
N ARG A 404 12.85 -26.49 -27.22
CA ARG A 404 13.58 -27.20 -28.27
C ARG A 404 13.31 -26.61 -29.66
N SER A 405 12.20 -25.90 -29.83
CA SER A 405 11.96 -25.18 -31.08
C SER A 405 12.87 -23.97 -31.20
N THR A 406 13.05 -23.22 -30.11
CA THR A 406 14.03 -22.15 -30.11
C THR A 406 15.46 -22.70 -30.08
N HIS A 407 15.68 -23.83 -29.42
CA HIS A 407 17.02 -24.39 -29.24
C HIS A 407 17.01 -25.91 -29.36
C1 EDO C . -3.36 -29.78 -11.09
O1 EDO C . -2.92 -28.75 -11.99
C2 EDO C . -4.80 -29.52 -10.66
O2 EDO C . -4.86 -28.25 -9.98
C1 EDO D . 6.13 -41.09 -10.89
O1 EDO D . 7.12 -40.13 -11.27
C2 EDO D . 5.87 -41.97 -12.10
O2 EDO D . 5.39 -43.24 -11.65
C1 EDO E . -3.36 4.90 -2.01
O1 EDO E . -2.35 5.80 -2.49
C2 EDO E . -3.76 5.32 -0.60
O2 EDO E . -4.54 6.52 -0.68
C1 EDO F . -8.48 38.42 2.69
O1 EDO F . -7.44 39.33 2.33
C2 EDO F . -9.14 38.90 3.96
O2 EDO F . -8.20 38.87 5.04
C1 EDO G . -7.67 39.09 -2.51
O1 EDO G . -6.49 38.62 -1.83
C2 EDO G . -7.42 39.15 -4.01
O2 EDO G . -6.92 37.89 -4.47
C1 EDO H . 6.16 26.24 2.80
O1 EDO H . 5.90 26.66 4.14
C2 EDO H . 5.74 24.78 2.62
O2 EDO H . 6.38 23.99 3.63
C1 EDO I . 5.89 -36.89 0.05
O1 EDO I . 5.48 -37.64 -1.10
C2 EDO I . 7.22 -36.20 -0.24
O2 EDO I . 8.15 -37.16 -0.75
C1 EDO J . 17.35 -9.89 11.37
O1 EDO J . 18.33 -10.23 10.40
C2 EDO J . 16.55 -8.68 10.87
O2 EDO J . 15.95 -9.00 9.61
#